data_6KLJ
#
_entry.id   6KLJ
#
_cell.length_a   111.848
_cell.length_b   111.848
_cell.length_c   208.185
_cell.angle_alpha   90.000
_cell.angle_beta   90.000
_cell.angle_gamma   120.000
#
_symmetry.space_group_name_H-M   'P 61 2 2'
#
loop_
_entity.id
_entity.type
_entity.pdbx_description
1 polymer Laccase
2 branched 2-acetamido-2-deoxy-beta-D-glucopyranose-(1-4)-2-acetamido-2-deoxy-beta-D-glucopyranose
3 non-polymer 'COPPER (II) ION'
4 non-polymer 2-acetamido-2-deoxy-beta-D-glucopyranose
5 non-polymer (2E)-3-(4-hydroxy-3-methoxyphenyl)prop-2-enal
6 non-polymer GLYCEROL
7 non-polymer 'OXYGEN MOLECULE'
8 water water
#
_entity_poly.entity_id   1
_entity_poly.type   'polypeptide(L)'
_entity_poly.pdbx_seq_one_letter_code
;SRNTHYDFVITETKVTRLCHEKTILAVNGQFPGPTIYARKDDVVIVNVYNQGYKNITLHWHGVDQPRNPWSDGPEYITQC
PIQPGANFTYKIIFTEEEGTLWWHAHSEFDRATVHGAIVIHPKRGTVYPYPKPHKEMPIILGEWWNADVEQILLESQRTG
GDVNISDANTINGQPGDFAPCSKEDTFKMSVEHGKTYLLRVINAGLTNEMFFAVAGHRLTVVGTDGRYLRPFTVDYILIS
PGQTMNMLLEANCATDGSANSRYYMAARPFFTNTAVNVDDKNTTAIVEYTDAPPSASAGPPDSPDLPAMDDIAAATAYTA
QLRSLVTKEHPIDVPMEVDEHMLVTISVNTIPCEPNKTCAGPGNNRLAASLNNVSFMNPTIDILDAYYDSISGVYEPDFP
NKPPFFFNFTAPNPPQDLWFTKRGTKVKVVEYGTILEVVFQDTAILGAESHPMHLHGFSFYVVGRGFGNFDKDKDPATYN
LVDPPYQNTVSVPTGGWAAMRFRAANPGVWFMHCHFDRHTVWGMDTVFIVKNGKGPDAQMMPRPPNMPKC
;
_entity_poly.pdbx_strand_id   A
#
loop_
_chem_comp.id
_chem_comp.type
_chem_comp.name
_chem_comp.formula
CIY non-polymer (2E)-3-(4-hydroxy-3-methoxyphenyl)prop-2-enal 'C10 H10 O3'
CU non-polymer 'COPPER (II) ION' 'Cu 2'
GOL non-polymer GLYCEROL 'C3 H8 O3'
NAG D-saccharide, beta linking 2-acetamido-2-deoxy-beta-D-glucopyranose 'C8 H15 N O6'
OXY non-polymer 'OXYGEN MOLECULE' O2
#
# COMPACT_ATOMS: atom_id res chain seq x y z
N THR A 4 -2.34 -22.39 -11.51
CA THR A 4 -2.47 -21.02 -11.97
C THR A 4 -3.92 -20.56 -12.15
N HIS A 5 -4.86 -21.19 -11.46
CA HIS A 5 -6.26 -20.75 -11.51
C HIS A 5 -6.87 -20.76 -10.12
N TYR A 6 -7.56 -19.69 -9.76
CA TYR A 6 -8.18 -19.54 -8.45
C TYR A 6 -9.64 -19.15 -8.61
N ASP A 7 -10.50 -19.67 -7.73
CA ASP A 7 -11.85 -19.16 -7.56
C ASP A 7 -11.89 -18.36 -6.27
N PHE A 8 -12.16 -17.06 -6.39
CA PHE A 8 -12.31 -16.15 -5.26
C PHE A 8 -13.80 -15.81 -5.15
N VAL A 9 -14.49 -16.42 -4.20
CA VAL A 9 -15.89 -16.10 -3.93
C VAL A 9 -15.93 -15.03 -2.84
N ILE A 10 -16.49 -13.87 -3.16
CA ILE A 10 -16.70 -12.86 -2.13
C ILE A 10 -17.90 -13.30 -1.27
N THR A 11 -17.66 -13.52 0.02
CA THR A 11 -18.69 -14.05 0.91
C THR A 11 -19.01 -13.08 2.05
N GLU A 12 -20.27 -13.13 2.51
CA GLU A 12 -20.64 -12.54 3.80
C GLU A 12 -20.26 -13.54 4.87
N THR A 13 -19.35 -13.17 5.76
CA THR A 13 -18.78 -14.08 6.74
C THR A 13 -18.89 -13.46 8.12
N LYS A 14 -19.41 -14.23 9.07
CA LYS A 14 -19.46 -13.79 10.45
C LYS A 14 -18.10 -14.01 11.10
N VAL A 15 -17.55 -12.95 11.69
CA VAL A 15 -16.25 -12.98 12.32
C VAL A 15 -16.37 -12.22 13.63
N THR A 16 -15.69 -12.72 14.66
CA THR A 16 -15.61 -12.09 15.96
C THR A 16 -14.17 -11.70 16.29
N ARG A 17 -13.94 -10.43 16.61
CA ARG A 17 -12.72 -9.97 17.25
C ARG A 17 -13.09 -8.98 18.34
N LEU A 18 -12.24 -8.86 19.37
CA LEU A 18 -12.52 -7.98 20.52
C LEU A 18 -13.91 -8.26 21.11
N CYS A 19 -14.36 -9.52 21.05
CA CYS A 19 -15.67 -9.96 21.51
C CYS A 19 -16.81 -9.36 20.71
N HIS A 20 -16.54 -8.70 19.60
CA HIS A 20 -17.59 -8.11 18.77
C HIS A 20 -17.75 -8.95 17.51
N GLU A 21 -18.94 -9.50 17.31
CA GLU A 21 -19.25 -10.25 16.10
C GLU A 21 -19.90 -9.33 15.08
N LYS A 22 -19.49 -9.50 13.82
CA LYS A 22 -20.14 -8.78 12.73
C LYS A 22 -20.01 -9.62 11.46
N THR A 23 -20.76 -9.25 10.44
CA THR A 23 -20.62 -9.87 9.13
C THR A 23 -19.74 -8.98 8.27
N ILE A 24 -18.67 -9.56 7.72
CA ILE A 24 -17.74 -8.85 6.86
C ILE A 24 -17.78 -9.48 5.47
N LEU A 25 -17.22 -8.74 4.51
CA LEU A 25 -16.89 -9.37 3.24
C LEU A 25 -15.54 -10.04 3.36
N ALA A 26 -15.46 -11.26 2.86
CA ALA A 26 -14.24 -12.04 2.91
C ALA A 26 -14.17 -12.83 1.61
N VAL A 27 -13.00 -13.41 1.34
CA VAL A 27 -12.83 -14.22 0.14
C VAL A 27 -12.77 -15.67 0.60
N ASN A 28 -13.70 -16.49 0.09
CA ASN A 28 -13.79 -17.90 0.43
C ASN A 28 -13.90 -18.10 1.94
N GLY A 29 -14.65 -17.21 2.59
CA GLY A 29 -14.80 -17.24 4.04
C GLY A 29 -13.54 -17.03 4.86
N GLN A 30 -12.46 -16.51 4.28
CA GLN A 30 -11.19 -16.38 4.97
C GLN A 30 -10.84 -14.91 5.17
N PHE A 31 -10.43 -14.57 6.39
CA PHE A 31 -10.02 -13.21 6.77
C PHE A 31 -8.74 -13.32 7.60
N PRO A 32 -7.58 -12.84 7.10
CA PRO A 32 -7.32 -12.42 5.72
C PRO A 32 -7.60 -13.54 4.72
N GLY A 33 -7.70 -13.17 3.45
CA GLY A 33 -8.04 -14.12 2.41
C GLY A 33 -6.88 -14.99 2.02
N PRO A 34 -7.13 -15.87 1.06
CA PRO A 34 -6.11 -16.83 0.62
C PRO A 34 -4.93 -16.16 -0.07
N THR A 35 -3.80 -16.83 0.01
CA THR A 35 -2.57 -16.41 -0.65
C THR A 35 -2.54 -16.92 -2.08
N ILE A 36 -2.20 -16.05 -3.02
CA ILE A 36 -1.93 -16.48 -4.39
C ILE A 36 -0.47 -16.83 -4.51
N TYR A 37 -0.17 -18.04 -4.98
CA TYR A 37 1.19 -18.51 -5.18
C TYR A 37 1.48 -18.57 -6.67
N ALA A 38 2.61 -17.99 -7.07
CA ALA A 38 3.02 -18.00 -8.46
C ALA A 38 4.54 -18.11 -8.50
N ARG A 39 5.08 -18.29 -9.70
CA ARG A 39 6.50 -18.16 -9.93
C ARG A 39 6.73 -17.11 -10.99
N LYS A 40 7.92 -16.52 -10.99
CA LYS A 40 8.21 -15.40 -11.89
C LYS A 40 7.76 -15.71 -13.31
N ASP A 41 7.07 -14.74 -13.92
CA ASP A 41 6.56 -14.74 -15.27
C ASP A 41 5.32 -15.62 -15.46
N ASP A 42 4.73 -16.17 -14.40
CA ASP A 42 3.47 -16.88 -14.54
C ASP A 42 2.35 -15.93 -14.95
N VAL A 43 1.30 -16.50 -15.55
CA VAL A 43 0.01 -15.86 -15.73
C VAL A 43 -0.99 -16.61 -14.85
N VAL A 44 -1.67 -15.88 -13.97
CA VAL A 44 -2.61 -16.48 -13.04
C VAL A 44 -4.01 -15.95 -13.35
N ILE A 45 -4.99 -16.86 -13.36
CA ILE A 45 -6.38 -16.53 -13.61
C ILE A 45 -7.14 -16.62 -12.30
N VAL A 46 -7.93 -15.59 -11.97
CA VAL A 46 -8.75 -15.59 -10.77
C VAL A 46 -10.18 -15.28 -11.19
N ASN A 47 -11.05 -16.27 -11.06
CA ASN A 47 -12.48 -16.03 -11.25
C ASN A 47 -13.05 -15.48 -9.95
N VAL A 48 -13.63 -14.28 -9.99
CA VAL A 48 -14.19 -13.66 -8.79
C VAL A 48 -15.70 -13.77 -8.88
N TYR A 49 -16.31 -14.39 -7.85
CA TYR A 49 -17.77 -14.53 -7.77
C TYR A 49 -18.24 -13.66 -6.61
N ASN A 50 -18.94 -12.58 -6.93
CA ASN A 50 -19.45 -11.69 -5.87
C ASN A 50 -20.76 -12.24 -5.34
N GLN A 51 -20.67 -13.01 -4.26
CA GLN A 51 -21.82 -13.51 -3.54
C GLN A 51 -22.14 -12.65 -2.33
N GLY A 52 -21.55 -11.45 -2.25
CA GLY A 52 -21.75 -10.56 -1.12
C GLY A 52 -22.79 -9.50 -1.39
N TYR A 53 -22.92 -8.59 -0.43
CA TYR A 53 -24.04 -7.66 -0.45
C TYR A 53 -23.76 -6.36 -1.20
N LYS A 54 -22.57 -6.15 -1.76
CA LYS A 54 -22.30 -4.84 -2.36
C LYS A 54 -21.38 -4.96 -3.58
N ASN A 55 -21.44 -3.92 -4.41
CA ASN A 55 -20.45 -3.67 -5.47
C ASN A 55 -19.03 -3.83 -4.94
N ILE A 56 -18.17 -4.48 -5.74
CA ILE A 56 -16.79 -4.72 -5.31
C ILE A 56 -15.90 -4.88 -6.53
N THR A 57 -14.60 -4.63 -6.34
CA THR A 57 -13.56 -4.95 -7.31
C THR A 57 -12.36 -5.50 -6.55
N LEU A 58 -11.48 -6.18 -7.28
CA LEU A 58 -10.23 -6.69 -6.73
C LEU A 58 -9.04 -6.16 -7.55
N HIS A 59 -7.93 -5.94 -6.86
CA HIS A 59 -6.73 -5.38 -7.45
C HIS A 59 -5.53 -6.22 -7.05
N TRP A 60 -4.58 -6.40 -7.96
CA TRP A 60 -3.39 -7.23 -7.73
C TRP A 60 -2.24 -6.25 -7.50
N HIS A 61 -2.02 -5.88 -6.23
CA HIS A 61 -1.21 -4.71 -5.93
C HIS A 61 0.25 -4.98 -6.28
N GLY A 62 0.83 -4.08 -7.08
CA GLY A 62 2.23 -4.20 -7.44
C GLY A 62 2.48 -5.04 -8.67
N VAL A 63 1.45 -5.57 -9.30
CA VAL A 63 1.60 -6.31 -10.55
C VAL A 63 1.44 -5.31 -11.69
N ASP A 64 2.46 -5.21 -12.55
CA ASP A 64 2.44 -4.23 -13.65
C ASP A 64 1.20 -4.39 -14.51
N GLN A 65 0.79 -5.62 -14.75
CA GLN A 65 -0.29 -5.91 -15.69
C GLN A 65 0.01 -5.31 -17.06
N PRO A 66 1.15 -5.69 -17.68
CA PRO A 66 1.52 -5.06 -18.97
C PRO A 66 0.43 -5.15 -20.02
N ARG A 67 0.03 -3.99 -20.53
CA ARG A 67 -0.99 -3.83 -21.56
C ARG A 67 -2.37 -4.24 -21.10
N ASN A 68 -2.56 -4.46 -19.79
CA ASN A 68 -3.73 -5.16 -19.27
C ASN A 68 -4.41 -4.41 -18.12
N PRO A 69 -4.78 -3.14 -18.31
CA PRO A 69 -5.49 -2.43 -17.24
C PRO A 69 -6.86 -3.01 -16.96
N TRP A 70 -7.43 -3.76 -17.93
CA TRP A 70 -8.75 -4.35 -17.77
C TRP A 70 -8.83 -5.21 -16.52
N SER A 71 -7.73 -5.84 -16.13
CA SER A 71 -7.71 -6.71 -14.95
C SER A 71 -7.05 -6.05 -13.74
N ASP A 72 -6.91 -4.72 -13.73
CA ASP A 72 -6.19 -4.05 -12.66
C ASP A 72 -7.08 -3.72 -11.47
N GLY A 73 -8.37 -3.44 -11.66
CA GLY A 73 -9.28 -3.42 -10.53
C GLY A 73 -9.84 -2.11 -9.97
N PRO A 74 -9.11 -0.98 -10.00
CA PRO A 74 -9.57 0.18 -9.23
C PRO A 74 -10.94 0.69 -9.69
N GLU A 75 -11.87 0.79 -8.75
CA GLU A 75 -13.26 1.06 -9.08
C GLU A 75 -13.41 2.41 -9.78
N TYR A 76 -14.13 2.41 -10.90
CA TYR A 76 -14.39 3.58 -11.75
C TYR A 76 -13.13 4.12 -12.42
N ILE A 77 -12.00 3.45 -12.28
CA ILE A 77 -10.80 3.83 -13.02
C ILE A 77 -10.60 2.86 -14.19
N THR A 78 -10.45 1.56 -13.90
CA THR A 78 -10.34 0.59 -14.99
C THR A 78 -11.59 -0.27 -15.18
N GLN A 79 -12.55 -0.19 -14.29
CA GLN A 79 -13.75 -1.01 -14.44
C GLN A 79 -14.87 -0.41 -13.61
N CYS A 80 -16.09 -0.68 -14.03
CA CYS A 80 -17.21 -0.53 -13.11
C CYS A 80 -17.28 -1.76 -12.22
N PRO A 81 -17.96 -1.68 -11.07
CA PRO A 81 -17.83 -2.74 -10.07
C PRO A 81 -18.49 -4.05 -10.49
N ILE A 82 -18.05 -5.12 -9.84
CA ILE A 82 -18.73 -6.41 -9.92
C ILE A 82 -19.96 -6.33 -9.03
N GLN A 83 -21.14 -6.40 -9.62
CA GLN A 83 -22.35 -6.23 -8.83
C GLN A 83 -22.65 -7.51 -8.04
N PRO A 84 -23.45 -7.41 -6.98
CA PRO A 84 -23.80 -8.62 -6.22
C PRO A 84 -24.45 -9.62 -7.16
N GLY A 85 -23.98 -10.87 -7.06
CA GLY A 85 -24.46 -11.93 -7.93
C GLY A 85 -23.74 -12.03 -9.26
N ALA A 86 -22.87 -11.08 -9.59
CA ALA A 86 -22.11 -11.13 -10.84
C ALA A 86 -20.72 -11.72 -10.59
N ASN A 87 -20.02 -11.98 -11.67
CA ASN A 87 -18.69 -12.53 -11.59
C ASN A 87 -17.82 -11.85 -12.64
N PHE A 88 -16.51 -11.92 -12.43
CA PHE A 88 -15.56 -11.39 -13.40
C PHE A 88 -14.25 -12.15 -13.28
N THR A 89 -13.66 -12.47 -14.42
CA THR A 89 -12.42 -13.23 -14.47
C THR A 89 -11.24 -12.27 -14.66
N TYR A 90 -10.33 -12.24 -13.70
CA TYR A 90 -9.15 -11.40 -13.77
C TYR A 90 -7.98 -12.20 -14.32
N LYS A 91 -7.20 -11.58 -15.19
CA LYS A 91 -5.96 -12.18 -15.69
C LYS A 91 -4.80 -11.42 -15.04
N ILE A 92 -3.97 -12.14 -14.29
CA ILE A 92 -2.83 -11.52 -13.60
C ILE A 92 -1.57 -11.91 -14.35
N ILE A 93 -0.90 -10.92 -14.94
CA ILE A 93 0.27 -11.17 -15.79
C ILE A 93 1.51 -10.74 -15.00
N PHE A 94 2.21 -11.71 -14.41
CA PHE A 94 3.44 -11.42 -13.70
C PHE A 94 4.60 -11.32 -14.69
N THR A 95 5.48 -10.33 -14.48
CA THR A 95 6.64 -10.19 -15.33
C THR A 95 7.90 -9.97 -14.50
N GLU A 96 8.21 -8.71 -14.19
CA GLU A 96 9.46 -8.40 -13.50
C GLU A 96 9.42 -8.72 -12.01
N GLU A 97 8.25 -9.02 -11.44
CA GLU A 97 8.09 -9.12 -9.99
C GLU A 97 8.54 -10.47 -9.46
N GLU A 98 9.29 -10.45 -8.36
CA GLU A 98 9.72 -11.67 -7.69
C GLU A 98 9.92 -11.36 -6.21
N GLY A 99 9.13 -12.00 -5.35
CA GLY A 99 9.12 -11.62 -3.95
C GLY A 99 7.71 -11.67 -3.40
N THR A 100 7.31 -10.66 -2.62
CA THR A 100 5.98 -10.61 -2.02
C THR A 100 5.20 -9.42 -2.57
N LEU A 101 3.97 -9.68 -3.00
CA LEU A 101 3.01 -8.62 -3.29
C LEU A 101 1.75 -8.97 -2.49
N TRP A 102 0.62 -8.36 -2.86
CA TRP A 102 -0.63 -8.67 -2.18
C TRP A 102 -1.79 -8.23 -3.05
N TRP A 103 -2.98 -8.71 -2.71
CA TRP A 103 -4.18 -8.37 -3.46
C TRP A 103 -5.19 -7.80 -2.49
N HIS A 104 -6.11 -6.97 -3.01
CA HIS A 104 -7.08 -6.40 -2.09
C HIS A 104 -8.22 -5.79 -2.89
N ALA A 105 -9.38 -5.71 -2.24
CA ALA A 105 -10.49 -4.99 -2.85
C ALA A 105 -10.03 -3.58 -3.20
N HIS A 106 -10.58 -3.05 -4.28
CA HIS A 106 -10.22 -1.69 -4.67
C HIS A 106 -11.47 -0.85 -4.87
N SER A 107 -12.40 -1.00 -3.93
CA SER A 107 -13.69 -0.31 -3.94
C SER A 107 -13.96 0.17 -2.52
N GLU A 108 -14.21 1.46 -2.35
CA GLU A 108 -14.57 2.03 -1.05
C GLU A 108 -13.57 1.60 0.00
N PHE A 109 -14.02 1.17 1.18
CA PHE A 109 -13.12 0.65 2.21
C PHE A 109 -13.14 -0.88 2.29
N ASP A 110 -13.57 -1.56 1.23
CA ASP A 110 -13.75 -3.01 1.32
C ASP A 110 -12.46 -3.75 1.63
N ARG A 111 -11.29 -3.19 1.29
CA ARG A 111 -10.04 -3.91 1.56
C ARG A 111 -9.71 -3.99 3.04
N ALA A 112 -10.49 -3.35 3.92
CA ALA A 112 -10.28 -3.55 5.36
C ALA A 112 -10.30 -5.03 5.73
N THR A 113 -11.17 -5.81 5.08
CA THR A 113 -11.21 -7.25 5.28
C THR A 113 -10.94 -8.05 4.00
N VAL A 114 -11.06 -7.45 2.82
CA VAL A 114 -10.90 -8.18 1.57
C VAL A 114 -9.49 -7.95 1.07
N HIS A 115 -8.58 -8.86 1.42
CA HIS A 115 -7.17 -8.75 1.08
C HIS A 115 -6.43 -10.04 1.43
N GLY A 116 -5.29 -10.24 0.79
CA GLY A 116 -4.47 -11.41 1.05
C GLY A 116 -3.13 -11.27 0.36
N ALA A 117 -2.28 -12.26 0.57
CA ALA A 117 -0.91 -12.18 0.11
C ALA A 117 -0.77 -12.70 -1.33
N ILE A 118 0.28 -12.24 -2.01
CA ILE A 118 0.74 -12.83 -3.27
C ILE A 118 2.21 -13.18 -3.06
N VAL A 119 2.56 -14.44 -3.29
CA VAL A 119 3.95 -14.92 -3.18
C VAL A 119 4.42 -15.29 -4.58
N ILE A 120 5.45 -14.63 -5.07
CA ILE A 120 6.03 -14.92 -6.38
C ILE A 120 7.41 -15.52 -6.14
N HIS A 121 7.52 -16.85 -6.28
CA HIS A 121 8.76 -17.58 -6.09
C HIS A 121 9.67 -17.43 -7.32
N PRO A 122 10.98 -17.62 -7.15
CA PRO A 122 11.86 -17.72 -8.32
C PRO A 122 11.31 -18.72 -9.34
N LYS A 123 11.44 -18.40 -10.63
CA LYS A 123 10.96 -19.35 -11.61
C LYS A 123 11.89 -20.57 -11.67
N ARG A 124 11.40 -21.64 -12.29
CA ARG A 124 12.14 -22.90 -12.35
C ARG A 124 13.52 -22.65 -12.95
N GLY A 125 14.54 -23.23 -12.33
CA GLY A 125 15.91 -23.04 -12.80
C GLY A 125 16.62 -21.84 -12.24
N THR A 126 15.97 -21.05 -11.38
CA THR A 126 16.62 -19.93 -10.70
C THR A 126 16.43 -20.08 -9.21
N VAL A 127 17.19 -19.31 -8.44
CA VAL A 127 17.13 -19.38 -6.98
C VAL A 127 17.11 -17.97 -6.40
N TYR A 128 16.77 -17.90 -5.11
CA TYR A 128 16.91 -16.68 -4.35
C TYR A 128 18.37 -16.23 -4.38
N PRO A 129 18.61 -14.91 -4.34
CA PRO A 129 20.00 -14.43 -4.18
C PRO A 129 20.55 -14.64 -2.78
N TYR A 130 19.78 -15.21 -1.88
CA TYR A 130 20.21 -15.51 -0.52
C TYR A 130 19.94 -16.98 -0.26
N PRO A 131 20.54 -17.56 0.78
CA PRO A 131 20.32 -18.99 1.06
C PRO A 131 18.85 -19.30 1.25
N LYS A 132 18.42 -20.42 0.69
CA LYS A 132 17.02 -20.79 0.71
C LYS A 132 16.51 -20.89 2.15
N PRO A 133 15.49 -20.10 2.53
CA PRO A 133 15.00 -20.14 3.92
C PRO A 133 14.40 -21.50 4.25
N HIS A 134 14.49 -21.86 5.52
CA HIS A 134 13.88 -23.11 5.97
C HIS A 134 12.37 -23.08 5.80
N LYS A 135 11.73 -21.99 6.24
CA LYS A 135 10.29 -21.79 6.06
C LYS A 135 10.03 -20.33 5.72
N GLU A 136 8.82 -20.05 5.25
CA GLU A 136 8.40 -18.72 4.85
C GLU A 136 7.02 -18.46 5.44
N MET A 137 6.78 -17.22 5.86
CA MET A 137 5.54 -16.88 6.55
C MET A 137 5.06 -15.48 6.15
N PRO A 138 3.90 -15.36 5.49
CA PRO A 138 3.27 -14.03 5.35
C PRO A 138 2.89 -13.48 6.72
N ILE A 139 3.21 -12.20 6.91
CA ILE A 139 2.92 -11.47 8.14
C ILE A 139 2.14 -10.23 7.70
N ILE A 140 0.81 -10.30 7.72
CA ILE A 140 -0.02 -9.20 7.24
C ILE A 140 -0.41 -8.29 8.40
N LEU A 141 0.04 -7.05 8.34
CA LEU A 141 -0.40 -6.05 9.31
C LEU A 141 -1.71 -5.43 8.84
N GLY A 142 -2.67 -5.30 9.76
CA GLY A 142 -3.98 -4.81 9.36
C GLY A 142 -4.67 -4.04 10.46
N GLU A 143 -5.93 -3.70 10.24
CA GLU A 143 -6.76 -3.00 11.21
C GLU A 143 -8.08 -3.74 11.34
N TRP A 144 -8.71 -3.54 12.50
CA TRP A 144 -10.04 -4.07 12.79
C TRP A 144 -10.90 -2.96 13.37
N TRP A 145 -12.11 -2.79 12.84
CA TRP A 145 -13.16 -1.97 13.45
C TRP A 145 -14.26 -2.91 13.96
N ASN A 146 -14.79 -2.61 15.15
CA ASN A 146 -15.98 -3.36 15.59
C ASN A 146 -17.19 -3.03 14.74
N ALA A 147 -17.34 -1.76 14.35
CA ALA A 147 -18.42 -1.36 13.47
C ALA A 147 -18.19 -1.91 12.06
N ASP A 148 -19.29 -2.05 11.32
CA ASP A 148 -19.18 -2.33 9.90
C ASP A 148 -18.33 -1.26 9.24
N VAL A 149 -17.31 -1.67 8.49
CA VAL A 149 -16.45 -0.68 7.84
C VAL A 149 -17.25 0.20 6.87
N GLU A 150 -18.27 -0.38 6.21
CA GLU A 150 -19.13 0.43 5.35
C GLU A 150 -19.77 1.59 6.11
N GLN A 151 -20.16 1.34 7.37
CA GLN A 151 -20.81 2.39 8.16
C GLN A 151 -19.79 3.41 8.64
N ILE A 152 -18.58 2.96 8.97
CA ILE A 152 -17.48 3.88 9.26
C ILE A 152 -17.27 4.82 8.08
N LEU A 153 -17.19 4.27 6.87
CA LEU A 153 -17.02 5.14 5.70
C LEU A 153 -18.22 6.07 5.52
N LEU A 154 -19.43 5.50 5.56
CA LEU A 154 -20.62 6.29 5.27
C LEU A 154 -20.78 7.45 6.26
N GLU A 155 -20.47 7.22 7.53
CA GLU A 155 -20.60 8.30 8.50
C GLU A 155 -19.65 9.45 8.22
N SER A 156 -18.38 9.14 7.90
CA SER A 156 -17.45 10.20 7.51
C SER A 156 -17.93 10.94 6.26
N GLN A 157 -18.56 10.23 5.32
CA GLN A 157 -19.10 10.88 4.13
C GLN A 157 -20.23 11.85 4.48
N ARG A 158 -21.11 11.45 5.41
CA ARG A 158 -22.21 12.31 5.81
C ARG A 158 -21.72 13.52 6.61
N THR A 159 -20.88 13.31 7.61
CA THR A 159 -20.46 14.43 8.45
C THR A 159 -19.41 15.33 7.81
N GLY A 160 -18.64 14.83 6.84
CA GLY A 160 -17.51 15.58 6.34
C GLY A 160 -16.33 15.66 7.27
N GLY A 161 -16.36 14.94 8.39
CA GLY A 161 -15.26 14.93 9.34
C GLY A 161 -14.33 13.75 9.13
N ASP A 162 -13.46 13.53 10.11
CA ASP A 162 -12.44 12.50 9.95
C ASP A 162 -13.04 11.12 10.13
N VAL A 163 -12.37 10.12 9.55
CA VAL A 163 -12.79 8.75 9.66
C VAL A 163 -12.47 8.24 11.06
N ASN A 164 -13.41 7.51 11.68
CA ASN A 164 -13.16 6.94 13.00
C ASN A 164 -11.94 6.04 12.96
N ILE A 165 -11.13 6.12 14.02
CA ILE A 165 -9.95 5.26 14.11
C ILE A 165 -10.39 3.81 14.32
N SER A 166 -9.55 2.88 13.88
CA SER A 166 -9.80 1.47 14.12
C SER A 166 -9.73 1.16 15.62
N ASP A 167 -10.35 0.04 16.00
CA ASP A 167 -10.32 -0.42 17.38
C ASP A 167 -9.09 -1.25 17.71
N ALA A 168 -8.47 -1.88 16.72
CA ALA A 168 -7.24 -2.62 16.96
C ALA A 168 -6.39 -2.63 15.70
N ASN A 169 -5.07 -2.67 15.91
CA ASN A 169 -4.15 -3.14 14.89
C ASN A 169 -4.03 -4.66 14.99
N THR A 170 -3.71 -5.31 13.87
CA THR A 170 -3.74 -6.77 13.83
C THR A 170 -2.52 -7.32 13.10
N ILE A 171 -2.19 -8.56 13.44
CA ILE A 171 -1.24 -9.37 12.67
C ILE A 171 -1.98 -10.61 12.19
N ASN A 172 -2.01 -10.81 10.88
CA ASN A 172 -2.75 -11.92 10.27
C ASN A 172 -4.18 -12.00 10.81
N GLY A 173 -4.81 -10.82 10.95
CA GLY A 173 -6.20 -10.69 11.39
C GLY A 173 -6.41 -10.75 12.88
N GLN A 174 -5.35 -10.92 13.67
CA GLN A 174 -5.47 -11.17 15.11
C GLN A 174 -4.84 -10.03 15.88
N PRO A 175 -5.58 -9.36 16.77
CA PRO A 175 -4.99 -8.22 17.51
C PRO A 175 -3.80 -8.60 18.37
N GLY A 176 -3.77 -9.80 18.94
CA GLY A 176 -2.63 -10.23 19.74
C GLY A 176 -2.93 -10.25 21.22
N ASP A 177 -1.85 -10.34 22.01
CA ASP A 177 -1.98 -10.67 23.43
C ASP A 177 -2.61 -9.56 24.26
N PHE A 178 -2.53 -8.30 23.84
CA PHE A 178 -2.85 -7.19 24.74
C PHE A 178 -4.18 -6.53 24.43
N ALA A 179 -5.02 -7.20 23.65
CA ALA A 179 -6.34 -6.70 23.32
C ALA A 179 -7.39 -7.56 24.00
N PRO A 180 -8.58 -7.00 24.26
CA PRO A 180 -9.64 -7.78 24.89
C PRO A 180 -10.10 -8.94 24.01
N CYS A 181 -10.37 -10.08 24.64
CA CYS A 181 -10.88 -11.27 23.96
C CYS A 181 -10.01 -11.69 22.78
N SER A 182 -8.69 -11.55 22.92
CA SER A 182 -7.78 -11.82 21.81
C SER A 182 -6.66 -12.79 22.12
N LYS A 183 -6.29 -12.97 23.39
CA LYS A 183 -5.05 -13.66 23.73
C LYS A 183 -5.09 -15.12 23.31
N GLU A 184 -6.28 -15.72 23.30
CA GLU A 184 -6.39 -17.13 22.95
C GLU A 184 -6.00 -17.38 21.49
N ASP A 185 -6.24 -16.41 20.59
CA ASP A 185 -6.04 -16.62 19.16
C ASP A 185 -4.96 -15.76 18.55
N THR A 186 -4.10 -15.14 19.37
CA THR A 186 -2.90 -14.48 18.89
C THR A 186 -2.19 -15.34 17.83
N PHE A 187 -1.74 -14.71 16.75
CA PHE A 187 -0.98 -15.45 15.74
C PHE A 187 0.33 -15.94 16.33
N LYS A 188 0.66 -17.20 16.05
CA LYS A 188 1.89 -17.80 16.55
C LYS A 188 2.57 -18.56 15.42
N MET A 189 3.89 -18.45 15.33
CA MET A 189 4.64 -19.28 14.41
C MET A 189 5.74 -20.00 15.17
N SER A 190 6.00 -21.24 14.78
CA SER A 190 7.02 -22.07 15.40
C SER A 190 8.34 -21.90 14.67
N VAL A 191 9.44 -21.86 15.44
CA VAL A 191 10.76 -21.81 14.86
C VAL A 191 11.62 -22.91 15.48
N GLU A 192 12.67 -23.26 14.74
CA GLU A 192 13.59 -24.33 15.11
C GLU A 192 14.98 -23.74 15.23
N HIS A 193 15.65 -24.00 16.36
CA HIS A 193 16.98 -23.43 16.57
C HIS A 193 17.88 -23.69 15.36
N GLY A 194 18.59 -22.64 14.94
CA GLY A 194 19.52 -22.74 13.83
C GLY A 194 18.91 -22.56 12.46
N LYS A 195 17.61 -22.45 12.33
CA LYS A 195 16.96 -22.33 11.02
C LYS A 195 16.64 -20.87 10.72
N THR A 196 16.54 -20.54 9.44
CA THR A 196 16.28 -19.17 9.00
C THR A 196 14.91 -19.10 8.32
N TYR A 197 14.19 -18.02 8.62
CA TYR A 197 12.79 -17.86 8.23
C TYR A 197 12.62 -16.58 7.40
N LEU A 198 11.86 -16.67 6.33
CA LEU A 198 11.55 -15.52 5.50
C LEU A 198 10.21 -14.97 5.95
N LEU A 199 10.22 -13.79 6.57
CA LEU A 199 8.99 -13.10 6.93
C LEU A 199 8.59 -12.20 5.75
N ARG A 200 7.39 -12.43 5.22
CA ARG A 200 6.85 -11.66 4.11
C ARG A 200 5.85 -10.67 4.70
N VAL A 201 6.34 -9.48 5.02
CA VAL A 201 5.56 -8.50 5.78
C VAL A 201 4.80 -7.61 4.80
N ILE A 202 3.49 -7.49 5.01
CA ILE A 202 2.62 -6.70 4.15
C ILE A 202 1.87 -5.73 5.04
N ASN A 203 1.87 -4.45 4.69
CA ASN A 203 1.03 -3.51 5.44
C ASN A 203 -0.29 -3.36 4.68
N ALA A 204 -1.31 -4.11 5.16
CA ALA A 204 -2.65 -4.08 4.60
C ALA A 204 -3.61 -3.25 5.44
N GLY A 205 -3.11 -2.45 6.37
CA GLY A 205 -3.96 -1.52 7.08
C GLY A 205 -4.38 -0.37 6.18
N LEU A 206 -5.36 0.40 6.64
CA LEU A 206 -5.92 1.48 5.83
C LEU A 206 -5.36 2.85 6.20
N THR A 207 -4.61 2.94 7.30
CA THR A 207 -4.53 4.26 7.95
C THR A 207 -3.13 4.71 8.30
N ASN A 208 -2.25 3.82 8.76
CA ASN A 208 -0.97 4.24 9.34
C ASN A 208 0.23 3.49 8.76
N GLU A 209 1.34 4.20 8.62
CA GLU A 209 2.64 3.53 8.55
C GLU A 209 2.93 2.89 9.90
N MET A 210 3.66 1.77 9.88
CA MET A 210 3.86 0.96 11.08
C MET A 210 5.34 0.65 11.30
N PHE A 211 5.79 0.77 12.54
CA PHE A 211 7.03 0.14 12.98
C PHE A 211 6.77 -1.31 13.32
N PHE A 212 7.78 -2.15 13.09
CA PHE A 212 7.62 -3.58 13.29
C PHE A 212 8.96 -4.16 13.73
N ALA A 213 8.92 -5.08 14.68
CA ALA A 213 10.15 -5.68 15.19
C ALA A 213 9.82 -7.01 15.84
N VAL A 214 10.86 -7.83 16.04
CA VAL A 214 10.71 -9.12 16.71
C VAL A 214 11.71 -9.16 17.86
N ALA A 215 11.20 -9.38 19.07
CA ALA A 215 12.07 -9.40 20.25
C ALA A 215 13.21 -10.40 20.06
N GLY A 216 14.42 -9.95 20.41
CA GLY A 216 15.59 -10.80 20.43
C GLY A 216 16.15 -11.20 19.08
N HIS A 217 15.55 -10.73 17.98
CA HIS A 217 15.90 -11.21 16.65
C HIS A 217 16.07 -10.03 15.70
N ARG A 218 17.28 -9.90 15.14
CA ARG A 218 17.48 -8.91 14.10
C ARG A 218 16.89 -9.40 12.79
N LEU A 219 16.60 -8.45 11.91
CA LEU A 219 15.93 -8.74 10.65
C LEU A 219 16.82 -8.30 9.52
N THR A 220 17.15 -9.22 8.63
CA THR A 220 17.93 -8.90 7.44
C THR A 220 16.96 -8.71 6.26
N VAL A 221 16.77 -7.46 5.88
CA VAL A 221 15.82 -7.10 4.83
C VAL A 221 16.43 -7.46 3.49
N VAL A 222 15.66 -8.13 2.63
CA VAL A 222 16.20 -8.61 1.36
C VAL A 222 15.36 -8.21 0.16
N GLY A 223 14.18 -7.63 0.37
CA GLY A 223 13.34 -7.27 -0.77
C GLY A 223 12.15 -6.42 -0.36
N THR A 224 11.59 -5.73 -1.35
CA THR A 224 10.38 -4.93 -1.19
C THR A 224 9.63 -4.87 -2.50
N ASP A 225 8.29 -4.93 -2.42
CA ASP A 225 7.44 -4.64 -3.58
C ASP A 225 7.82 -5.49 -4.79
N GLY A 226 8.22 -6.73 -4.53
CA GLY A 226 8.58 -7.64 -5.61
C GLY A 226 9.93 -7.38 -6.26
N ARG A 227 10.84 -6.66 -5.60
CA ARG A 227 12.18 -6.41 -6.13
C ARG A 227 13.22 -6.56 -5.03
N TYR A 228 14.24 -7.41 -5.28
CA TYR A 228 15.30 -7.61 -4.32
C TYR A 228 16.04 -6.31 -3.99
N LEU A 229 16.40 -6.17 -2.72
CA LEU A 229 17.13 -5.03 -2.21
C LEU A 229 18.54 -5.45 -1.82
N ARG A 230 19.43 -4.48 -1.76
CA ARG A 230 20.75 -4.72 -1.20
C ARG A 230 20.59 -5.06 0.28
N PRO A 231 20.98 -6.25 0.73
CA PRO A 231 20.61 -6.67 2.09
C PRO A 231 21.20 -5.78 3.17
N PHE A 232 20.44 -5.62 4.25
CA PHE A 232 20.87 -4.84 5.39
C PHE A 232 20.10 -5.37 6.60
N THR A 233 20.74 -5.35 7.76
CA THR A 233 20.19 -5.95 8.96
C THR A 233 19.87 -4.88 10.00
N VAL A 234 18.70 -5.00 10.63
CA VAL A 234 18.16 -3.95 11.50
C VAL A 234 17.45 -4.57 12.69
N ASP A 235 17.14 -3.72 13.67
CA ASP A 235 16.35 -4.13 14.83
C ASP A 235 14.85 -3.91 14.63
N TYR A 236 14.48 -3.02 13.70
CA TYR A 236 13.08 -2.73 13.41
C TYR A 236 12.98 -2.27 11.96
N ILE A 237 11.77 -2.37 11.40
CA ILE A 237 11.50 -1.84 10.07
C ILE A 237 10.39 -0.80 10.19
N LEU A 238 10.28 0.03 9.16
CA LEU A 238 9.11 0.86 8.93
C LEU A 238 8.41 0.36 7.68
N ILE A 239 7.09 0.28 7.71
CA ILE A 239 6.38 -0.21 6.53
C ILE A 239 5.05 0.52 6.41
N SER A 240 4.79 1.04 5.21
CA SER A 240 3.66 1.89 4.88
C SER A 240 2.59 1.08 4.16
N PRO A 241 1.32 1.45 4.33
CA PRO A 241 0.24 0.75 3.62
C PRO A 241 0.55 0.67 2.13
N GLY A 242 0.38 -0.52 1.56
CA GLY A 242 0.69 -0.75 0.16
C GLY A 242 2.01 -1.48 0.00
N GLN A 243 2.98 -1.16 0.86
CA GLN A 243 4.31 -1.74 0.78
C GLN A 243 4.34 -3.18 1.28
N THR A 244 5.26 -3.96 0.73
CA THR A 244 5.68 -5.21 1.33
C THR A 244 7.17 -5.15 1.59
N MET A 245 7.61 -5.85 2.64
CA MET A 245 9.02 -5.97 2.99
C MET A 245 9.33 -7.41 3.32
N ASN A 246 10.36 -7.98 2.69
CA ASN A 246 10.80 -9.35 2.96
C ASN A 246 12.08 -9.32 3.78
N MET A 247 12.15 -10.16 4.81
CA MET A 247 13.32 -10.13 5.67
C MET A 247 13.56 -11.51 6.26
N LEU A 248 14.84 -11.81 6.50
CA LEU A 248 15.27 -13.08 7.07
C LEU A 248 15.37 -12.98 8.59
N LEU A 249 14.79 -13.95 9.28
CA LEU A 249 14.93 -14.08 10.72
C LEU A 249 15.67 -15.37 11.03
N GLU A 250 16.75 -15.26 11.78
CA GLU A 250 17.61 -16.40 12.12
C GLU A 250 17.28 -16.85 13.54
N ALA A 251 16.77 -18.08 13.69
CA ALA A 251 16.32 -18.58 14.99
C ALA A 251 17.52 -19.09 15.77
N ASN A 252 18.21 -18.15 16.41
CA ASN A 252 19.51 -18.36 17.06
C ASN A 252 19.39 -18.73 18.53
N CYS A 253 18.33 -18.29 19.19
CA CYS A 253 18.29 -18.32 20.65
C CYS A 253 18.39 -19.74 21.17
N ALA A 254 18.95 -19.87 22.38
CA ALA A 254 19.21 -21.18 22.96
C ALA A 254 17.92 -21.84 23.42
N THR A 255 17.78 -23.13 23.10
CA THR A 255 16.61 -23.91 23.47
C THR A 255 16.88 -24.86 24.64
N ASP A 256 17.84 -24.51 25.49
CA ASP A 256 18.24 -25.36 26.62
C ASP A 256 17.63 -24.92 27.94
N GLY A 257 16.82 -23.85 27.95
CA GLY A 257 16.22 -23.33 29.15
C GLY A 257 16.87 -22.06 29.68
N SER A 258 18.03 -21.68 29.14
CA SER A 258 18.71 -20.46 29.57
C SER A 258 18.10 -19.20 28.98
N ALA A 259 17.21 -19.34 28.00
CA ALA A 259 16.59 -18.19 27.34
C ALA A 259 15.09 -18.44 27.20
N ASN A 260 14.35 -17.34 27.16
CA ASN A 260 12.94 -17.41 26.81
C ASN A 260 12.76 -18.21 25.54
N SER A 261 11.69 -19.00 25.49
CA SER A 261 11.34 -19.72 24.28
C SER A 261 10.27 -19.00 23.46
N ARG A 262 9.76 -17.87 23.94
CA ARG A 262 8.72 -17.14 23.23
C ARG A 262 9.13 -15.68 23.09
N TYR A 263 8.92 -15.13 21.88
CA TYR A 263 9.35 -13.78 21.55
C TYR A 263 8.22 -13.07 20.83
N TYR A 264 7.94 -11.84 21.25
CA TYR A 264 6.86 -11.06 20.64
C TYR A 264 7.35 -10.48 19.32
N MET A 265 6.62 -10.80 18.28
CA MET A 265 6.53 -9.95 17.10
C MET A 265 5.59 -8.79 17.44
N ALA A 266 5.95 -7.55 17.10
CA ALA A 266 5.09 -6.43 17.48
C ALA A 266 5.14 -5.32 16.45
N ALA A 267 4.00 -4.66 16.26
CA ALA A 267 3.91 -3.49 15.40
C ALA A 267 3.12 -2.39 16.09
N ARG A 268 3.45 -1.15 15.75
CA ARG A 268 2.79 0.01 16.32
C ARG A 268 2.97 1.17 15.35
N PRO A 269 1.99 2.08 15.25
CA PRO A 269 2.05 3.09 14.20
C PRO A 269 3.24 4.03 14.32
N PHE A 270 3.66 4.56 13.16
CA PHE A 270 4.46 5.77 13.08
C PHE A 270 3.51 6.89 12.70
N PHE A 271 3.37 7.87 13.59
CA PHE A 271 2.35 8.90 13.43
C PHE A 271 2.80 10.15 14.18
N THR A 272 2.73 11.31 13.53
CA THR A 272 3.32 12.52 14.09
C THR A 272 2.32 13.64 14.42
N ASN A 273 1.07 13.55 13.99
CA ASN A 273 0.11 14.63 14.21
C ASN A 273 -0.52 14.45 15.58
N THR A 274 0.00 15.16 16.59
CA THR A 274 -0.51 14.97 17.94
C THR A 274 -1.91 15.55 18.14
N ALA A 275 -2.40 16.34 17.19
CA ALA A 275 -3.72 16.95 17.31
C ALA A 275 -4.84 16.04 16.82
N VAL A 276 -4.53 14.90 16.19
CA VAL A 276 -5.50 14.03 15.56
C VAL A 276 -5.46 12.66 16.23
N ASN A 277 -6.62 12.03 16.37
CA ASN A 277 -6.70 10.71 16.98
C ASN A 277 -6.05 9.65 16.09
N VAL A 278 -5.52 8.62 16.73
CA VAL A 278 -4.89 7.51 16.01
C VAL A 278 -5.13 6.25 16.82
N ASP A 279 -5.37 5.14 16.12
CA ASP A 279 -5.32 3.83 16.77
C ASP A 279 -3.88 3.52 17.11
N ASP A 280 -3.43 3.92 18.29
CA ASP A 280 -2.03 3.76 18.68
C ASP A 280 -1.78 2.42 19.37
N LYS A 281 -2.73 1.50 19.33
CA LYS A 281 -2.56 0.24 20.02
C LYS A 281 -1.54 -0.63 19.31
N ASN A 282 -0.66 -1.28 20.09
CA ASN A 282 0.23 -2.21 19.42
C ASN A 282 -0.53 -3.48 19.08
N THR A 283 0.04 -4.24 18.14
CA THR A 283 -0.45 -5.56 17.83
C THR A 283 0.74 -6.50 18.00
N THR A 284 0.47 -7.72 18.49
CA THR A 284 1.53 -8.66 18.82
C THR A 284 1.22 -10.04 18.25
N ALA A 285 2.28 -10.78 17.96
CA ALA A 285 2.21 -12.19 17.64
C ALA A 285 3.41 -12.85 18.32
N ILE A 286 3.45 -14.17 18.31
CA ILE A 286 4.41 -14.90 19.13
C ILE A 286 5.27 -15.80 18.25
N VAL A 287 6.58 -15.62 18.33
CA VAL A 287 7.56 -16.54 17.76
C VAL A 287 7.97 -17.50 18.88
N GLU A 288 7.75 -18.80 18.66
CA GLU A 288 7.92 -19.81 19.70
C GLU A 288 8.92 -20.85 19.22
N TYR A 289 9.98 -21.07 20.02
CA TYR A 289 10.90 -22.18 19.79
C TYR A 289 10.26 -23.45 20.35
N THR A 290 9.94 -24.40 19.47
CA THR A 290 9.12 -25.52 19.92
C THR A 290 9.90 -26.59 20.68
N ASP A 291 11.20 -26.74 20.42
CA ASP A 291 11.96 -27.82 21.01
C ASP A 291 12.65 -27.42 22.31
N ALA A 292 12.14 -26.40 22.99
CA ALA A 292 12.67 -25.93 24.26
C ALA A 292 11.86 -26.49 25.41
N PRO A 293 12.43 -26.55 26.62
CA PRO A 293 11.69 -27.11 27.75
C PRO A 293 10.52 -26.23 28.13
N PRO A 294 9.41 -26.82 28.58
CA PRO A 294 8.23 -26.01 28.97
C PRO A 294 8.52 -24.95 30.02
N SER A 295 9.60 -25.08 30.78
CA SER A 295 9.96 -24.04 31.74
C SER A 295 10.40 -22.76 31.04
N ALA A 296 10.91 -22.88 29.81
CA ALA A 296 11.39 -21.69 29.09
C ALA A 296 10.25 -20.79 28.65
N SER A 297 9.01 -21.29 28.64
CA SER A 297 7.83 -20.49 28.32
C SER A 297 7.00 -20.20 29.56
N ALA A 298 7.63 -20.15 30.73
CA ALA A 298 6.90 -19.96 31.98
C ALA A 298 6.37 -18.55 32.10
N GLY A 299 7.19 -17.55 31.74
CA GLY A 299 6.77 -16.17 31.83
C GLY A 299 6.22 -15.66 30.52
N PRO A 300 6.01 -14.34 30.43
CA PRO A 300 5.54 -13.74 29.17
C PRO A 300 6.61 -13.79 28.10
N PRO A 301 6.24 -13.74 26.83
CA PRO A 301 7.25 -13.63 25.79
C PRO A 301 8.04 -12.35 25.96
N ASP A 302 9.31 -12.39 25.55
CA ASP A 302 10.12 -11.18 25.52
C ASP A 302 9.52 -10.17 24.55
N SER A 303 9.70 -8.87 24.87
CA SER A 303 9.14 -7.77 24.08
C SER A 303 10.23 -7.00 23.35
N PRO A 304 9.99 -6.59 22.10
CA PRO A 304 10.97 -5.74 21.40
C PRO A 304 10.85 -4.30 21.89
N ASP A 305 11.89 -3.53 21.59
CA ASP A 305 11.85 -2.08 21.76
C ASP A 305 11.37 -1.47 20.45
N LEU A 306 10.15 -0.94 20.44
CA LEU A 306 9.76 -0.26 19.22
C LEU A 306 10.06 1.23 19.34
N PRO A 307 10.42 1.90 18.24
CA PRO A 307 10.56 3.36 18.32
C PRO A 307 9.26 4.00 18.76
N ALA A 308 9.37 5.15 19.42
CA ALA A 308 8.17 5.87 19.83
C ALA A 308 7.36 6.24 18.59
N MET A 309 6.04 6.37 18.78
CA MET A 309 5.15 6.57 17.65
C MET A 309 5.52 7.81 16.84
N ASP A 310 6.05 8.85 17.48
CA ASP A 310 6.39 10.08 16.76
C ASP A 310 7.86 10.18 16.40
N ASP A 311 8.61 9.08 16.46
CA ASP A 311 10.05 9.09 16.18
C ASP A 311 10.30 9.17 14.68
N ILE A 312 10.29 10.39 14.16
CA ILE A 312 10.56 10.59 12.74
C ILE A 312 11.99 10.19 12.38
N ALA A 313 12.94 10.44 13.28
CA ALA A 313 14.32 10.04 12.99
C ALA A 313 14.41 8.54 12.74
N ALA A 314 13.66 7.75 13.51
CA ALA A 314 13.70 6.30 13.34
C ALA A 314 13.08 5.87 12.02
N ALA A 315 11.97 6.53 11.61
CA ALA A 315 11.40 6.26 10.29
C ALA A 315 12.41 6.56 9.20
N THR A 316 12.99 7.77 9.25
CA THR A 316 13.95 8.20 8.25
C THR A 316 15.14 7.25 8.16
N ALA A 317 15.62 6.78 9.31
CA ALA A 317 16.81 5.94 9.35
C ALA A 317 16.56 4.58 8.70
N TYR A 318 15.35 4.04 8.82
CA TYR A 318 15.05 2.83 8.07
C TYR A 318 14.96 3.11 6.58
N THR A 319 14.13 4.09 6.20
CA THR A 319 13.88 4.34 4.78
C THR A 319 15.16 4.69 4.03
N ALA A 320 16.12 5.33 4.70
CA ALA A 320 17.38 5.70 4.06
C ALA A 320 18.19 4.48 3.63
N GLN A 321 17.94 3.31 4.21
CA GLN A 321 18.76 2.13 3.92
C GLN A 321 18.30 1.35 2.70
N LEU A 322 17.17 1.72 2.08
CA LEU A 322 16.61 0.96 0.98
C LEU A 322 17.36 1.24 -0.31
N ARG A 323 17.88 0.17 -0.93
CA ARG A 323 18.62 0.27 -2.18
C ARG A 323 18.36 -0.98 -2.99
N SER A 324 18.17 -0.83 -4.29
CA SER A 324 17.98 -2.00 -5.14
C SER A 324 19.20 -2.89 -5.08
N LEU A 325 18.97 -4.21 -5.14
CA LEU A 325 20.05 -5.16 -5.37
C LEU A 325 20.42 -5.11 -6.84
N VAL A 326 21.69 -4.84 -7.13
CA VAL A 326 22.14 -4.74 -8.51
C VAL A 326 23.21 -5.80 -8.73
N THR A 327 22.86 -6.84 -9.47
CA THR A 327 23.78 -7.92 -9.84
C THR A 327 23.47 -8.32 -11.27
N LYS A 328 24.19 -9.32 -11.75
CA LYS A 328 24.01 -9.78 -13.12
C LYS A 328 22.70 -10.55 -13.25
N GLU A 329 22.35 -11.32 -12.23
CA GLU A 329 21.06 -12.00 -12.21
C GLU A 329 19.91 -11.02 -11.99
N HIS A 330 20.18 -9.89 -11.33
CA HIS A 330 19.15 -8.89 -11.00
C HIS A 330 19.67 -7.53 -11.41
N PRO A 331 19.60 -7.22 -12.69
CA PRO A 331 20.05 -5.92 -13.18
C PRO A 331 19.00 -4.84 -12.91
N ILE A 332 19.43 -3.61 -13.12
CA ILE A 332 18.66 -2.41 -12.85
C ILE A 332 18.74 -1.55 -14.11
N ASP A 333 17.76 -0.68 -14.29
CA ASP A 333 17.72 0.18 -15.47
C ASP A 333 17.18 1.54 -15.03
N VAL A 334 18.01 2.32 -14.34
CA VAL A 334 17.63 3.65 -13.89
C VAL A 334 17.54 4.58 -15.10
N PRO A 335 16.39 5.21 -15.36
CA PRO A 335 16.32 6.17 -16.48
C PRO A 335 17.20 7.39 -16.17
N MET A 336 18.12 7.69 -17.08
CA MET A 336 19.11 8.73 -16.84
C MET A 336 18.75 10.07 -17.47
N GLU A 337 18.04 10.07 -18.58
CA GLU A 337 17.63 11.30 -19.26
C GLU A 337 16.12 11.41 -19.20
N VAL A 338 15.65 12.36 -18.42
CA VAL A 338 14.23 12.55 -18.17
C VAL A 338 13.61 13.32 -19.33
N ASP A 339 12.44 12.87 -19.81
CA ASP A 339 11.74 13.62 -20.85
C ASP A 339 10.85 14.70 -20.28
N GLU A 340 10.32 14.50 -19.08
CA GLU A 340 9.33 15.41 -18.53
C GLU A 340 9.42 15.35 -17.02
N HIS A 341 9.38 16.51 -16.37
CA HIS A 341 9.41 16.62 -14.92
C HIS A 341 8.03 17.02 -14.42
N MET A 342 7.61 16.40 -13.32
CA MET A 342 6.37 16.79 -12.65
C MET A 342 6.70 17.08 -11.19
N LEU A 343 6.14 18.17 -10.68
CA LEU A 343 6.10 18.42 -9.25
C LEU A 343 4.64 18.27 -8.83
N VAL A 344 4.39 17.45 -7.83
CA VAL A 344 3.02 17.10 -7.43
C VAL A 344 2.90 17.40 -5.95
N THR A 345 2.19 18.48 -5.60
CA THR A 345 1.95 18.78 -4.20
C THR A 345 0.84 17.87 -3.68
N ILE A 346 1.06 17.35 -2.48
CA ILE A 346 0.14 16.46 -1.79
C ILE A 346 -0.41 17.21 -0.60
N SER A 347 -1.74 17.32 -0.51
CA SER A 347 -2.37 18.10 0.55
C SER A 347 -3.64 17.43 1.04
N VAL A 348 -3.84 17.49 2.34
CA VAL A 348 -5.16 17.36 2.95
C VAL A 348 -5.82 18.73 2.91
N ASN A 349 -7.12 18.78 2.66
CA ASN A 349 -7.80 20.01 2.30
C ASN A 349 -9.18 20.05 2.93
N THR A 350 -9.85 21.19 2.77
CA THR A 350 -11.29 21.26 2.91
C THR A 350 -11.93 21.76 1.63
N ILE A 351 -13.22 21.47 1.49
CA ILE A 351 -14.10 22.13 0.53
C ILE A 351 -15.26 22.68 1.34
N PRO A 352 -16.01 23.64 0.81
CA PRO A 352 -17.13 24.20 1.58
C PRO A 352 -18.18 23.14 1.87
N CYS A 353 -18.74 23.21 3.08
CA CYS A 353 -19.88 22.37 3.42
C CYS A 353 -21.04 22.66 2.46
N GLU A 354 -21.81 21.62 2.14
CA GLU A 354 -23.01 21.76 1.32
C GLU A 354 -23.97 22.75 1.96
N PRO A 355 -24.86 23.36 1.16
CA PRO A 355 -25.84 24.29 1.74
C PRO A 355 -26.80 23.56 2.68
N ASN A 356 -27.20 24.27 3.73
CA ASN A 356 -28.22 23.80 4.68
C ASN A 356 -27.75 22.58 5.46
N LYS A 357 -26.46 22.58 5.77
CA LYS A 357 -25.84 21.46 6.46
C LYS A 357 -24.65 22.00 7.25
N THR A 358 -24.37 21.34 8.38
CA THR A 358 -23.18 21.64 9.16
C THR A 358 -22.24 20.44 9.06
N CYS A 359 -20.97 20.71 8.79
CA CYS A 359 -19.98 19.67 8.56
C CYS A 359 -19.01 19.64 9.72
N ALA A 360 -18.32 18.50 9.86
CA ALA A 360 -17.50 18.22 11.03
C ALA A 360 -16.01 18.40 10.77
N GLY A 361 -15.59 18.77 9.56
CA GLY A 361 -14.18 18.95 9.28
C GLY A 361 -13.68 20.27 9.83
N PRO A 362 -12.41 20.56 9.54
CA PRO A 362 -11.80 21.79 10.05
C PRO A 362 -12.58 23.02 9.63
N GLY A 363 -12.76 23.94 10.57
CA GLY A 363 -13.62 25.10 10.33
C GLY A 363 -15.06 24.76 9.98
N ASN A 364 -15.54 23.58 10.39
CA ASN A 364 -16.86 23.07 10.01
C ASN A 364 -17.04 22.98 8.51
N ASN A 365 -15.95 22.83 7.76
CA ASN A 365 -16.05 22.53 6.35
C ASN A 365 -15.93 21.02 6.16
N ARG A 366 -15.87 20.58 4.91
CA ARG A 366 -15.84 19.15 4.60
C ARG A 366 -14.42 18.74 4.21
N LEU A 367 -13.93 17.64 4.80
CA LEU A 367 -12.56 17.21 4.50
C LEU A 367 -12.44 16.73 3.06
N ALA A 368 -11.27 16.95 2.49
CA ALA A 368 -10.94 16.55 1.13
C ALA A 368 -9.43 16.43 1.03
N ALA A 369 -8.94 16.15 -0.17
CA ALA A 369 -7.50 15.99 -0.37
C ALA A 369 -7.21 16.14 -1.86
N SER A 370 -5.95 16.38 -2.20
CA SER A 370 -5.67 16.80 -3.56
C SER A 370 -4.23 16.52 -3.96
N LEU A 371 -4.04 16.38 -5.27
CA LEU A 371 -2.73 16.39 -5.92
C LEU A 371 -2.67 17.60 -6.84
N ASN A 372 -1.65 18.43 -6.68
CA ASN A 372 -1.53 19.71 -7.39
C ASN A 372 -2.84 20.49 -7.33
N ASN A 373 -3.45 20.44 -6.14
CA ASN A 373 -4.68 21.16 -5.81
C ASN A 373 -5.88 20.75 -6.66
N VAL A 374 -5.88 19.54 -7.22
CA VAL A 374 -7.08 18.97 -7.81
C VAL A 374 -7.51 17.80 -6.95
N SER A 375 -8.74 17.86 -6.45
CA SER A 375 -9.28 16.80 -5.60
C SER A 375 -10.00 15.80 -6.50
N PHE A 376 -9.43 14.61 -6.65
CA PHE A 376 -9.95 13.66 -7.62
C PHE A 376 -11.35 13.18 -7.25
N MET A 377 -12.22 13.14 -8.25
CA MET A 377 -13.60 12.68 -8.09
C MET A 377 -13.83 11.54 -9.07
N ASN A 378 -14.27 10.38 -8.56
CA ASN A 378 -14.50 9.26 -9.45
C ASN A 378 -15.59 9.60 -10.47
N PRO A 379 -15.44 9.18 -11.72
CA PRO A 379 -16.55 9.27 -12.68
C PRO A 379 -17.55 8.14 -12.40
N THR A 380 -18.64 8.14 -13.17
CA THR A 380 -19.60 7.03 -13.11
C THR A 380 -19.46 6.10 -14.32
N ILE A 381 -18.82 6.55 -15.38
CA ILE A 381 -18.29 5.67 -16.42
C ILE A 381 -16.79 5.54 -16.15
N ASP A 382 -16.29 4.30 -16.03
CA ASP A 382 -14.89 4.18 -15.65
C ASP A 382 -13.99 4.78 -16.72
N ILE A 383 -12.86 5.35 -16.26
CA ILE A 383 -11.93 6.05 -17.16
C ILE A 383 -11.52 5.18 -18.33
N LEU A 384 -11.22 3.91 -18.06
CA LEU A 384 -10.66 3.05 -19.10
C LEU A 384 -11.65 2.87 -20.25
N ASP A 385 -12.92 2.58 -19.92
CA ASP A 385 -13.93 2.49 -20.98
C ASP A 385 -14.10 3.82 -21.70
N ALA A 386 -14.05 4.93 -20.97
CA ALA A 386 -14.19 6.24 -21.62
C ALA A 386 -13.05 6.49 -22.61
N TYR A 387 -11.84 6.11 -22.22
CA TYR A 387 -10.67 6.25 -23.08
C TYR A 387 -10.78 5.34 -24.31
N TYR A 388 -11.20 4.09 -24.11
CA TYR A 388 -11.28 3.10 -25.19
C TYR A 388 -12.34 3.48 -26.21
N ASP A 389 -13.49 3.96 -25.75
CA ASP A 389 -14.62 4.29 -26.62
C ASP A 389 -14.63 5.76 -27.02
N SER A 390 -13.66 6.55 -26.55
CA SER A 390 -13.59 7.99 -26.82
C SER A 390 -14.88 8.70 -26.38
N ILE A 391 -15.27 8.44 -25.14
CA ILE A 391 -16.49 9.02 -24.57
C ILE A 391 -16.16 10.36 -23.95
N SER A 392 -16.78 11.42 -24.45
CA SER A 392 -16.52 12.76 -23.93
C SER A 392 -17.29 12.98 -22.62
N GLY A 393 -16.85 13.98 -21.87
CA GLY A 393 -17.52 14.38 -20.66
C GLY A 393 -17.29 13.50 -19.45
N VAL A 394 -16.29 12.63 -19.48
CA VAL A 394 -15.98 11.76 -18.34
C VAL A 394 -14.77 12.28 -17.57
N TYR A 395 -13.66 12.52 -18.26
CA TYR A 395 -12.47 13.04 -17.62
C TYR A 395 -11.89 14.17 -18.47
N GLU A 396 -11.01 14.95 -17.85
CA GLU A 396 -10.30 16.02 -18.55
C GLU A 396 -8.83 15.66 -18.61
N PRO A 397 -8.21 15.70 -19.79
CA PRO A 397 -6.83 15.22 -19.91
C PRO A 397 -5.79 16.29 -19.63
N ASP A 398 -5.96 17.07 -18.58
CA ASP A 398 -5.06 18.19 -18.33
C ASP A 398 -4.60 18.25 -16.88
N PHE A 399 -4.35 17.10 -16.24
CA PHE A 399 -3.75 17.15 -14.92
C PHE A 399 -2.40 17.85 -15.04
N PRO A 400 -2.12 18.86 -14.21
CA PRO A 400 -0.94 19.70 -14.43
C PRO A 400 0.35 19.08 -13.92
N ASN A 401 1.46 19.48 -14.57
CA ASN A 401 2.80 19.05 -14.22
C ASN A 401 3.38 19.78 -13.02
N LYS A 402 2.68 20.78 -12.51
CA LYS A 402 3.19 21.58 -11.40
C LYS A 402 2.02 22.15 -10.65
N PRO A 403 2.19 22.51 -9.38
CA PRO A 403 1.08 23.10 -8.64
C PRO A 403 0.71 24.44 -9.23
N PRO A 404 -0.55 24.86 -9.12
CA PRO A 404 -0.97 26.11 -9.75
C PRO A 404 -0.49 27.35 -9.03
N PHE A 405 -0.08 27.23 -7.77
CA PHE A 405 0.36 28.38 -7.00
C PHE A 405 1.50 27.92 -6.10
N PHE A 406 2.69 28.46 -6.33
CA PHE A 406 3.83 28.11 -5.51
C PHE A 406 3.82 28.92 -4.23
N PHE A 407 4.13 28.27 -3.12
CA PHE A 407 4.25 28.90 -1.83
C PHE A 407 5.22 28.08 -0.99
N ASN A 408 5.49 28.52 0.23
CA ASN A 408 6.37 27.79 1.13
C ASN A 408 5.63 26.54 1.58
N PHE A 409 5.68 25.51 0.73
CA PHE A 409 4.82 24.33 0.86
C PHE A 409 4.85 23.76 2.27
N THR A 410 6.04 23.61 2.85
CA THR A 410 6.15 22.92 4.11
C THR A 410 6.23 23.86 5.32
N ALA A 411 5.97 25.15 5.14
CA ALA A 411 5.95 26.06 6.28
C ALA A 411 4.78 25.71 7.19
N PRO A 412 5.00 25.52 8.49
CA PRO A 412 3.90 25.05 9.34
C PRO A 412 2.77 26.05 9.45
N ASN A 413 1.58 25.53 9.73
CA ASN A 413 0.37 26.31 9.98
C ASN A 413 0.07 27.36 8.91
N PRO A 414 -0.13 26.96 7.66
CA PRO A 414 -0.48 27.92 6.63
C PRO A 414 -1.84 28.54 6.92
N PRO A 415 -2.14 29.69 6.32
CA PRO A 415 -3.40 30.37 6.64
C PRO A 415 -4.62 29.62 6.10
N GLN A 416 -5.75 29.87 6.76
CA GLN A 416 -6.98 29.14 6.51
C GLN A 416 -7.40 29.17 5.04
N ASP A 417 -7.05 30.23 4.30
CA ASP A 417 -7.48 30.32 2.91
C ASP A 417 -6.81 29.26 2.04
N LEU A 418 -5.62 28.78 2.43
CA LEU A 418 -4.94 27.74 1.67
C LEU A 418 -5.47 26.34 1.96
N TRP A 419 -6.39 26.21 2.92
CA TRP A 419 -6.96 24.90 3.18
C TRP A 419 -7.77 24.37 2.00
N PHE A 420 -8.38 25.26 1.22
CA PHE A 420 -9.43 24.83 0.31
C PHE A 420 -8.86 24.29 -1.00
N THR A 421 -9.64 23.40 -1.61
CA THR A 421 -9.27 22.79 -2.89
C THR A 421 -10.53 22.76 -3.75
N LYS A 422 -10.44 22.08 -4.89
CA LYS A 422 -11.51 22.03 -5.87
C LYS A 422 -11.54 20.65 -6.50
N ARG A 423 -12.73 20.09 -6.67
CA ARG A 423 -12.85 18.75 -7.19
C ARG A 423 -12.70 18.74 -8.71
N GLY A 424 -12.20 17.63 -9.23
CA GLY A 424 -12.16 17.42 -10.67
C GLY A 424 -11.83 15.97 -10.97
N THR A 425 -11.92 15.63 -12.25
CA THR A 425 -11.57 14.30 -12.75
C THR A 425 -10.55 14.51 -13.86
N LYS A 426 -9.31 14.79 -13.47
CA LYS A 426 -8.27 15.12 -14.43
C LYS A 426 -7.24 14.00 -14.50
N VAL A 427 -6.74 13.74 -15.71
CA VAL A 427 -5.75 12.70 -15.93
C VAL A 427 -4.58 13.32 -16.70
N LYS A 428 -3.46 12.62 -16.64
CA LYS A 428 -2.24 13.00 -17.35
C LYS A 428 -2.01 12.00 -18.47
N VAL A 429 -1.96 12.49 -19.71
CA VAL A 429 -1.79 11.63 -20.88
C VAL A 429 -0.35 11.73 -21.35
N VAL A 430 0.31 10.58 -21.51
CA VAL A 430 1.68 10.56 -22.00
C VAL A 430 1.81 9.59 -23.16
N GLU A 431 2.74 9.89 -24.05
CA GLU A 431 3.11 8.96 -25.11
C GLU A 431 3.87 7.77 -24.53
N TYR A 432 3.71 6.63 -25.18
CA TYR A 432 4.44 5.42 -24.81
C TYR A 432 5.93 5.69 -24.77
N GLY A 433 6.57 5.25 -23.70
CA GLY A 433 8.01 5.36 -23.56
C GLY A 433 8.50 6.64 -22.91
N THR A 434 7.60 7.58 -22.62
CA THR A 434 8.01 8.82 -21.97
C THR A 434 8.68 8.54 -20.63
N ILE A 435 9.84 9.15 -20.41
CA ILE A 435 10.56 9.01 -19.15
C ILE A 435 10.16 10.17 -18.24
N LEU A 436 9.53 9.85 -17.12
CA LEU A 436 9.03 10.83 -16.17
C LEU A 436 9.91 10.85 -14.92
N GLU A 437 10.19 12.05 -14.43
CA GLU A 437 10.60 12.24 -13.04
C GLU A 437 9.43 12.89 -12.33
N VAL A 438 8.87 12.20 -11.35
CA VAL A 438 7.75 12.69 -10.55
C VAL A 438 8.29 13.03 -9.17
N VAL A 439 8.18 14.29 -8.76
CA VAL A 439 8.58 14.71 -7.43
C VAL A 439 7.31 14.97 -6.62
N PHE A 440 7.13 14.18 -5.55
CA PHE A 440 6.02 14.35 -4.62
C PHE A 440 6.43 15.35 -3.55
N GLN A 441 5.62 16.39 -3.36
CA GLN A 441 5.91 17.45 -2.38
C GLN A 441 4.79 17.50 -1.36
N ASP A 442 5.06 17.03 -0.15
CA ASP A 442 4.07 17.21 0.93
C ASP A 442 3.95 18.70 1.23
N THR A 443 2.74 19.14 1.52
CA THR A 443 2.51 20.45 2.13
C THR A 443 2.15 20.29 3.60
N ALA A 444 2.22 21.42 4.31
CA ALA A 444 1.85 21.46 5.72
C ALA A 444 0.38 21.84 5.91
N ILE A 445 -0.39 21.95 4.83
CA ILE A 445 -1.81 22.28 4.96
C ILE A 445 -2.48 21.22 5.82
N LEU A 446 -3.10 21.66 6.91
CA LEU A 446 -3.81 20.81 7.86
C LEU A 446 -2.90 19.76 8.49
N GLY A 447 -1.60 19.99 8.45
CA GLY A 447 -0.66 19.09 9.10
C GLY A 447 0.26 18.36 8.13
N ALA A 448 1.56 18.59 8.28
CA ALA A 448 2.56 17.77 7.61
C ALA A 448 2.37 16.31 7.98
N GLU A 449 2.54 15.44 6.99
CA GLU A 449 2.19 14.03 7.15
C GLU A 449 2.91 13.23 6.07
N SER A 450 3.42 12.06 6.43
CA SER A 450 4.00 11.16 5.44
C SER A 450 2.89 10.45 4.68
N HIS A 451 2.88 10.58 3.36
CA HIS A 451 1.89 9.91 2.55
C HIS A 451 2.54 8.78 1.75
N PRO A 452 1.99 7.56 1.79
CA PRO A 452 2.51 6.48 0.96
C PRO A 452 1.94 6.51 -0.45
N MET A 453 2.65 7.14 -1.38
CA MET A 453 2.13 7.31 -2.74
C MET A 453 2.38 6.05 -3.56
N HIS A 454 1.34 5.58 -4.24
CA HIS A 454 1.39 4.32 -4.98
C HIS A 454 0.98 4.57 -6.43
N LEU A 455 1.69 3.92 -7.35
CA LEU A 455 1.38 4.02 -8.77
C LEU A 455 1.03 2.63 -9.29
N HIS A 456 -0.19 2.47 -9.80
CA HIS A 456 -0.53 1.22 -10.49
C HIS A 456 0.23 1.12 -11.82
N GLY A 457 0.41 -0.11 -12.28
CA GLY A 457 0.95 -0.35 -13.62
C GLY A 457 2.45 -0.26 -13.75
N PHE A 458 3.16 0.18 -12.71
CA PHE A 458 4.60 0.44 -12.78
C PHE A 458 5.21 0.30 -11.41
N SER A 459 6.48 -0.09 -11.38
CA SER A 459 7.32 0.30 -10.27
C SER A 459 8.18 1.47 -10.73
N PHE A 460 8.89 2.07 -9.78
CA PHE A 460 9.64 3.29 -10.10
C PHE A 460 10.85 3.34 -9.21
N TYR A 461 11.87 4.07 -9.66
CA TYR A 461 13.11 4.22 -8.90
C TYR A 461 13.02 5.48 -8.06
N VAL A 462 13.19 5.33 -6.75
CA VAL A 462 13.12 6.47 -5.84
C VAL A 462 14.54 7.04 -5.74
N VAL A 463 14.81 8.07 -6.56
CA VAL A 463 16.16 8.58 -6.71
C VAL A 463 16.52 9.63 -5.67
N GLY A 464 15.55 10.24 -5.00
CA GLY A 464 15.87 11.21 -3.97
C GLY A 464 14.74 11.38 -2.97
N ARG A 465 15.12 11.92 -1.82
CA ARG A 465 14.14 12.31 -0.79
C ARG A 465 14.79 13.35 0.10
N GLY A 466 13.95 14.17 0.73
CA GLY A 466 14.47 15.14 1.68
C GLY A 466 13.34 15.77 2.46
N PHE A 467 13.71 16.60 3.42
CA PHE A 467 12.73 17.36 4.17
C PHE A 467 12.67 18.80 3.65
N GLY A 468 11.52 19.45 3.89
CA GLY A 468 11.32 20.79 3.37
C GLY A 468 10.85 20.79 1.92
N ASN A 469 11.16 21.89 1.23
CA ASN A 469 10.72 22.10 -0.14
C ASN A 469 11.77 21.61 -1.12
N PHE A 470 11.36 20.74 -2.04
CA PHE A 470 12.24 20.28 -3.10
C PHE A 470 12.82 21.46 -3.86
N ASP A 471 14.14 21.44 -4.05
CA ASP A 471 14.87 22.47 -4.80
C ASP A 471 15.33 21.89 -6.13
N LYS A 472 14.63 22.25 -7.22
CA LYS A 472 14.88 21.61 -8.51
C LYS A 472 16.27 21.88 -9.07
N ASP A 473 16.98 22.89 -8.55
CA ASP A 473 18.31 23.23 -9.03
C ASP A 473 19.42 22.72 -8.12
N LYS A 474 19.09 22.00 -7.05
CA LYS A 474 20.12 21.57 -6.11
C LYS A 474 19.92 20.12 -5.64
N ASP A 475 18.69 19.74 -5.34
CA ASP A 475 18.47 18.39 -4.84
C ASP A 475 18.82 17.30 -5.85
N PRO A 476 18.60 17.45 -7.16
CA PRO A 476 18.99 16.36 -8.07
C PRO A 476 20.48 16.04 -8.04
N ALA A 477 21.32 16.96 -7.54
CA ALA A 477 22.76 16.74 -7.54
C ALA A 477 23.18 15.61 -6.61
N THR A 478 22.33 15.21 -5.68
CA THR A 478 22.67 14.11 -4.77
C THR A 478 21.69 12.94 -4.90
N TYR A 479 20.91 12.90 -6.00
CA TYR A 479 20.11 11.74 -6.32
C TYR A 479 20.97 10.48 -6.34
N ASN A 480 20.36 9.35 -6.00
CA ASN A 480 20.96 8.03 -6.20
C ASN A 480 20.57 7.54 -7.57
N LEU A 481 21.50 7.60 -8.52
CA LEU A 481 21.28 7.16 -9.88
C LEU A 481 21.89 5.81 -10.15
N VAL A 482 22.37 5.12 -9.12
CA VAL A 482 23.08 3.87 -9.26
C VAL A 482 22.25 2.69 -8.77
N ASP A 483 21.84 2.69 -7.50
CA ASP A 483 21.00 1.61 -6.96
C ASP A 483 19.83 2.13 -6.13
N PRO A 484 19.07 3.10 -6.64
CA PRO A 484 17.88 3.54 -5.91
C PRO A 484 16.90 2.38 -5.79
N PRO A 485 16.16 2.31 -4.69
CA PRO A 485 15.20 1.22 -4.54
C PRO A 485 14.10 1.33 -5.59
N TYR A 486 13.64 0.18 -6.06
CA TYR A 486 12.62 0.07 -7.10
C TYR A 486 11.34 -0.34 -6.39
N GLN A 487 10.41 0.59 -6.23
CA GLN A 487 9.24 0.40 -5.39
C GLN A 487 7.98 0.68 -6.19
N ASN A 488 6.84 0.20 -5.67
CA ASN A 488 5.55 0.61 -6.21
C ASN A 488 4.82 1.58 -5.27
N THR A 489 5.26 1.68 -4.01
CA THR A 489 4.71 2.61 -3.02
C THR A 489 5.86 3.26 -2.27
N VAL A 490 5.89 4.60 -2.24
CA VAL A 490 6.99 5.33 -1.64
C VAL A 490 6.46 6.14 -0.45
N SER A 491 7.13 6.02 0.69
CA SER A 491 6.83 6.90 1.82
C SER A 491 7.38 8.29 1.52
N VAL A 492 6.51 9.23 1.16
CA VAL A 492 6.98 10.62 1.04
C VAL A 492 7.24 11.17 2.44
N PRO A 493 8.39 11.81 2.69
CA PRO A 493 8.69 12.26 4.06
C PRO A 493 7.65 13.22 4.61
N THR A 494 7.44 13.13 5.91
CA THR A 494 6.66 14.12 6.63
C THR A 494 7.21 15.52 6.40
N GLY A 495 6.38 16.39 5.84
CA GLY A 495 6.86 17.74 5.54
C GLY A 495 8.06 17.73 4.62
N GLY A 496 8.07 16.84 3.63
CA GLY A 496 9.22 16.72 2.76
C GLY A 496 8.84 16.25 1.38
N TRP A 497 9.80 15.69 0.63
CA TRP A 497 9.59 15.38 -0.78
C TRP A 497 10.29 14.07 -1.12
N ALA A 498 9.83 13.43 -2.19
CA ALA A 498 10.48 12.24 -2.71
C ALA A 498 10.40 12.29 -4.22
N ALA A 499 11.53 12.02 -4.88
CA ALA A 499 11.62 12.05 -6.34
C ALA A 499 11.75 10.63 -6.87
N MET A 500 10.98 10.30 -7.92
CA MET A 500 11.08 9.00 -8.54
C MET A 500 11.11 9.13 -10.06
N ARG A 501 11.60 8.08 -10.73
CA ARG A 501 11.67 8.06 -12.19
C ARG A 501 11.14 6.73 -12.71
N PHE A 502 10.51 6.79 -13.88
CA PHE A 502 10.12 5.55 -14.52
C PHE A 502 9.87 5.83 -16.00
N ARG A 503 10.04 4.78 -16.80
CA ARG A 503 9.65 4.82 -18.21
C ARG A 503 8.19 4.39 -18.32
N ALA A 504 7.35 5.25 -18.90
CA ALA A 504 5.93 4.95 -19.10
C ALA A 504 5.76 4.06 -20.32
N ALA A 505 6.16 2.80 -20.16
CA ALA A 505 6.15 1.84 -21.25
C ALA A 505 5.15 0.72 -21.00
N ASN A 506 4.01 1.06 -20.41
CA ASN A 506 2.92 0.11 -20.19
C ASN A 506 1.65 0.80 -20.69
N PRO A 507 1.14 0.42 -21.85
CA PRO A 507 0.01 1.16 -22.42
C PRO A 507 -1.28 0.82 -21.68
N GLY A 508 -1.97 1.85 -21.23
CA GLY A 508 -3.16 1.61 -20.43
C GLY A 508 -3.51 2.83 -19.58
N VAL A 509 -4.31 2.56 -18.55
CA VAL A 509 -4.94 3.57 -17.70
C VAL A 509 -4.57 3.21 -16.27
N TRP A 510 -3.80 4.07 -15.60
CA TRP A 510 -3.08 3.63 -14.41
C TRP A 510 -3.28 4.61 -13.25
N PHE A 511 -3.90 4.13 -12.18
CA PHE A 511 -4.23 4.94 -11.02
C PHE A 511 -2.99 5.31 -10.22
N MET A 512 -2.96 6.54 -9.71
CA MET A 512 -1.90 6.93 -8.78
C MET A 512 -2.56 7.58 -7.58
N HIS A 513 -2.20 7.14 -6.37
CA HIS A 513 -2.92 7.64 -5.20
C HIS A 513 -2.13 7.41 -3.92
N CYS A 514 -2.43 8.22 -2.91
CA CYS A 514 -2.00 7.87 -1.56
C CYS A 514 -2.69 6.58 -1.14
N HIS A 515 -1.94 5.71 -0.47
CA HIS A 515 -2.48 4.42 -0.06
C HIS A 515 -3.10 4.44 1.32
N PHE A 516 -3.27 5.62 1.92
CA PHE A 516 -4.20 5.80 3.03
C PHE A 516 -5.60 5.93 2.43
N ASP A 517 -6.49 4.98 2.73
CA ASP A 517 -7.79 4.96 2.05
C ASP A 517 -8.58 6.25 2.27
N ARG A 518 -8.51 6.84 3.46
CA ARG A 518 -9.26 8.08 3.67
C ARG A 518 -8.80 9.16 2.70
N HIS A 519 -7.49 9.23 2.43
CA HIS A 519 -7.00 10.20 1.46
C HIS A 519 -7.39 9.83 0.03
N THR A 520 -7.41 8.53 -0.29
CA THR A 520 -7.89 8.10 -1.61
C THR A 520 -9.30 8.60 -1.87
N VAL A 521 -10.23 8.31 -0.94
CA VAL A 521 -11.61 8.73 -1.15
C VAL A 521 -11.73 10.25 -1.12
N TRP A 522 -10.93 10.94 -0.30
CA TRP A 522 -10.96 12.39 -0.29
C TRP A 522 -10.37 13.03 -1.55
N GLY A 523 -9.68 12.28 -2.40
CA GLY A 523 -9.24 12.75 -3.69
C GLY A 523 -7.73 12.96 -3.89
N MET A 524 -6.89 12.38 -3.03
CA MET A 524 -5.44 12.44 -3.21
C MET A 524 -4.98 11.45 -4.30
N ASP A 525 -5.51 11.63 -5.51
CA ASP A 525 -5.33 10.66 -6.59
C ASP A 525 -5.27 11.38 -7.93
N THR A 526 -4.70 10.70 -8.93
CA THR A 526 -4.89 11.07 -10.33
C THR A 526 -4.72 9.79 -11.17
N VAL A 527 -4.69 9.95 -12.50
CA VAL A 527 -4.58 8.82 -13.41
C VAL A 527 -3.57 9.16 -14.50
N PHE A 528 -2.70 8.19 -14.85
CA PHE A 528 -1.88 8.26 -16.06
C PHE A 528 -2.53 7.43 -17.16
N ILE A 529 -2.79 8.05 -18.30
CA ILE A 529 -3.16 7.32 -19.51
C ILE A 529 -1.92 7.25 -20.39
N VAL A 530 -1.37 6.06 -20.58
CA VAL A 530 -0.20 5.87 -21.43
C VAL A 530 -0.72 5.41 -22.79
N LYS A 531 -0.53 6.25 -23.80
CA LYS A 531 -1.06 5.98 -25.12
C LYS A 531 -0.31 4.82 -25.76
N ASN A 532 -0.92 4.22 -26.79
CA ASN A 532 -0.25 3.13 -27.50
C ASN A 532 0.99 3.65 -28.20
N GLY A 533 2.01 2.81 -28.26
CA GLY A 533 3.20 3.08 -29.03
C GLY A 533 3.11 2.44 -30.41
N LYS A 534 4.28 2.27 -31.03
CA LYS A 534 4.36 1.65 -32.33
C LYS A 534 4.75 0.19 -32.14
N GLY A 535 4.02 -0.71 -32.82
CA GLY A 535 4.27 -2.12 -32.67
C GLY A 535 3.21 -2.76 -31.81
N PRO A 536 2.98 -4.06 -32.02
CA PRO A 536 1.97 -4.76 -31.20
C PRO A 536 2.34 -4.87 -29.73
N ASP A 537 3.64 -4.91 -29.41
CA ASP A 537 4.08 -4.97 -28.03
C ASP A 537 3.75 -3.69 -27.25
N ALA A 538 3.45 -2.60 -27.95
CA ALA A 538 3.15 -1.31 -27.32
C ALA A 538 1.68 -0.96 -27.42
N GLN A 539 0.81 -1.95 -27.66
CA GLN A 539 -0.63 -1.73 -27.79
C GLN A 539 -1.34 -2.25 -26.55
N MET A 540 -2.25 -1.44 -26.02
CA MET A 540 -3.15 -1.91 -24.97
C MET A 540 -3.98 -3.07 -25.50
N MET A 541 -4.19 -4.07 -24.64
CA MET A 541 -5.04 -5.19 -25.02
C MET A 541 -6.46 -4.72 -25.28
N PRO A 542 -7.21 -5.46 -26.10
CA PRO A 542 -8.61 -5.12 -26.33
C PRO A 542 -9.45 -5.38 -25.09
N ARG A 543 -10.63 -4.78 -25.10
CA ARG A 543 -11.57 -4.95 -24.01
C ARG A 543 -12.05 -6.39 -23.95
N PRO A 544 -11.94 -7.06 -22.80
CA PRO A 544 -12.51 -8.41 -22.68
C PRO A 544 -14.01 -8.36 -22.85
N PRO A 545 -14.61 -9.45 -23.34
CA PRO A 545 -16.04 -9.40 -23.70
C PRO A 545 -16.98 -9.14 -22.53
N ASN A 546 -16.68 -9.62 -21.32
CA ASN A 546 -17.67 -9.49 -20.27
C ASN A 546 -17.25 -8.54 -19.17
N MET A 547 -16.78 -7.34 -19.52
CA MET A 547 -16.50 -6.33 -18.50
C MET A 547 -17.80 -5.95 -17.80
N PRO A 548 -17.74 -5.65 -16.51
CA PRO A 548 -18.94 -5.13 -15.84
C PRO A 548 -19.46 -3.86 -16.52
N LYS A 549 -20.77 -3.78 -16.63
CA LYS A 549 -21.41 -2.62 -17.23
C LYS A 549 -21.46 -1.48 -16.21
N CYS A 550 -21.37 -0.27 -16.73
CA CYS A 550 -21.47 0.93 -15.90
C CYS A 550 -22.91 1.40 -15.78
C1 NAG B . -23.14 -0.49 -8.11
C2 NAG B . -23.86 0.78 -7.69
C3 NAG B . -24.86 1.19 -8.76
C4 NAG B . -24.19 1.28 -10.13
C5 NAG B . -23.37 0.02 -10.44
C6 NAG B . -22.49 0.16 -11.67
C7 NAG B . -24.30 1.36 -5.35
C8 NAG B . -25.07 1.00 -4.11
N2 NAG B . -24.54 0.59 -6.42
O3 NAG B . -25.41 2.46 -8.42
O4 NAG B . -25.22 1.34 -11.11
O5 NAG B . -22.49 -0.27 -9.35
O6 NAG B . -21.57 1.24 -11.56
O7 NAG B . -23.51 2.28 -5.39
C1 NAG B . -25.22 2.51 -11.93
C2 NAG B . -26.34 2.25 -12.94
C3 NAG B . -26.44 3.40 -13.93
C4 NAG B . -26.55 4.74 -13.21
C5 NAG B . -25.44 4.88 -12.16
C6 NAG B . -25.58 6.12 -11.30
C7 NAG B . -26.76 -0.15 -13.30
C8 NAG B . -27.74 -0.07 -12.15
N2 NAG B . -26.13 0.99 -13.62
O3 NAG B . -27.58 3.21 -14.75
O4 NAG B . -26.46 5.81 -14.13
O5 NAG B . -25.45 3.76 -11.27
O6 NAG B . -24.36 6.43 -10.64
O7 NAG B . -26.55 -1.20 -13.89
C1 NAG C . -6.67 25.42 -4.53
C2 NAG C . -5.97 26.73 -4.12
C3 NAG C . -6.94 27.68 -3.42
C4 NAG C . -8.27 27.81 -4.16
C5 NAG C . -8.82 26.42 -4.42
C6 NAG C . -10.15 26.42 -5.15
C7 NAG C . -3.56 26.35 -3.61
C8 NAG C . -3.28 26.55 -5.05
N2 NAG C . -4.85 26.45 -3.24
O3 NAG C . -6.34 28.97 -3.29
O4 NAG C . -9.17 28.56 -3.36
O5 NAG C . -7.89 25.71 -5.23
O6 NAG C . -10.03 26.82 -6.51
O7 NAG C . -2.67 26.10 -2.80
C1 NAG C . -9.72 29.66 -4.10
C2 NAG C . -11.01 30.11 -3.39
C3 NAG C . -11.61 31.35 -4.05
C4 NAG C . -10.55 32.43 -4.24
C5 NAG C . -9.34 31.84 -4.96
C6 NAG C . -8.22 32.85 -5.13
C7 NAG C . -12.39 28.43 -2.24
C8 NAG C . -11.80 28.97 -0.97
N2 NAG C . -11.98 29.02 -3.36
O3 NAG C . -12.65 31.84 -3.21
O4 NAG C . -11.07 33.52 -4.99
O5 NAG C . -8.82 30.75 -4.20
O6 NAG C . -7.78 33.35 -3.88
O7 NAG C . -13.20 27.51 -2.24
CU CU D . -2.09 10.46 2.24
CU CU E . -1.78 -1.05 -6.78
CU CU F . -4.58 1.38 -5.77
CU CU G . -2.69 -1.43 -3.02
C1 NAG H . -20.62 -15.33 -14.75
C2 NAG H . -21.55 -16.56 -14.77
C3 NAG H . -22.08 -16.80 -16.17
C4 NAG H . -22.71 -15.53 -16.74
C5 NAG H . -21.68 -14.40 -16.70
C6 NAG H . -22.22 -13.09 -17.23
C7 NAG H . -21.37 -18.56 -13.33
C8 NAG H . -22.68 -18.15 -12.74
N2 NAG H . -20.87 -17.75 -14.29
O3 NAG H . -23.02 -17.87 -16.16
O4 NAG H . -23.12 -15.75 -18.09
O5 NAG H . -21.28 -14.20 -15.34
O6 NAG H . -21.18 -12.13 -17.36
O7 NAG H . -20.76 -19.57 -12.97
C1 NAG I . 1.50 -3.34 23.98
C2 NAG I . 2.80 -3.59 24.78
C3 NAG I . 2.48 -3.99 26.23
C4 NAG I . 1.54 -2.99 26.87
C5 NAG I . 0.28 -2.89 26.02
C6 NAG I . -0.73 -1.91 26.55
C7 NAG I . 4.69 -4.37 23.44
C8 NAG I . 5.41 -5.57 22.87
N2 NAG I . 3.59 -4.62 24.14
O3 NAG I . 3.70 -4.05 26.95
O4 NAG I . 1.19 -3.42 28.18
O5 NAG I . 0.65 -2.44 24.71
O6 NAG I . -0.15 -0.62 26.63
O7 NAG I . 5.10 -3.23 23.26
C1 NAG J . -17.31 7.09 15.57
C2 NAG J . -18.62 6.32 15.76
C3 NAG J . -19.60 7.15 16.59
C4 NAG J . -18.97 7.58 17.91
C5 NAG J . -17.62 8.26 17.68
C6 NAG J . -16.88 8.46 18.99
C7 NAG J . -19.56 4.73 14.13
C8 NAG J . -20.13 4.57 12.75
N2 NAG J . -19.20 5.96 14.47
O3 NAG J . -20.75 6.36 16.86
O4 NAG J . -19.80 8.51 18.58
O5 NAG J . -16.77 7.44 16.86
O6 NAG J . -15.92 9.49 18.86
O7 NAG J . -19.44 3.78 14.89
C1 NAG K . -30.96 26.99 3.86
C2 NAG K . -31.96 27.56 4.87
C3 NAG K . -32.38 28.97 4.48
C4 NAG K . -31.15 29.85 4.25
C5 NAG K . -30.23 29.18 3.23
C6 NAG K . -28.95 29.94 2.96
C7 NAG K . -33.70 26.31 6.11
C8 NAG K . -33.04 26.78 7.36
N2 NAG K . -33.14 26.71 4.96
O3 NAG K . -33.21 29.52 5.51
O4 NAG K . -31.54 31.13 3.78
O5 NAG K . -29.86 27.89 3.73
O6 NAG K . -28.11 29.99 4.11
O7 NAG K . -34.71 25.60 6.13
C1 NAG L . 9.77 28.54 4.66
C2 NAG L . 10.73 29.71 4.91
C3 NAG L . 11.85 29.30 5.88
C4 NAG L . 11.27 28.68 7.13
C5 NAG L . 10.36 27.52 6.74
C6 NAG L . 9.69 26.86 7.91
C7 NAG L . 11.01 31.38 3.12
C8 NAG L . 11.66 31.68 1.80
N2 NAG L . 11.29 30.18 3.64
O3 NAG L . 12.61 30.45 6.23
O4 NAG L . 12.32 28.20 7.98
O5 NAG L . 9.31 28.03 5.91
O6 NAG L . 8.78 27.74 8.56
O7 NAG L . 10.26 32.17 3.68
C1 CIY M . -8.57 16.68 10.86
C2 CIY M . -8.48 15.51 10.09
C3 CIY M . -7.37 15.29 9.27
O3 CIY M . -7.27 14.14 8.52
C4 CIY M . -6.34 16.24 9.21
O4 CIY M . -5.21 16.01 8.38
C5 CIY M . -6.43 17.41 9.98
C6 CIY M . -7.54 17.62 10.80
C7 CIY M . -9.75 16.95 11.77
C8 CIY M . -10.88 17.54 11.33
C9 CIY M . -12.05 17.82 12.29
O9 CIY M . -12.00 18.78 12.99
C3M CIY M . -6.97 12.98 9.23
C1 GOL N . -9.98 2.12 -2.58
O1 GOL N . -10.57 3.22 -1.91
C2 GOL N . -8.82 1.59 -1.75
O2 GOL N . -9.25 0.52 -0.93
C3 GOL N . -7.67 1.10 -2.63
O3 GOL N . -6.42 1.14 -1.94
O1 OXY O . -3.57 -0.08 -4.57
O2 OXY O . -4.36 0.51 -3.86
#